data_1WB4
#
_entry.id   1WB4
#
_cell.length_a   65.066
_cell.length_b   108.405
_cell.length_c   113.180
_cell.angle_alpha   90.00
_cell.angle_beta   90.00
_cell.angle_gamma   90.00
#
_symmetry.space_group_name_H-M   'P 21 21 21'
#
loop_
_entity.id
_entity.type
_entity.pdbx_description
1 polymer 'ENDO-1,4-BETA-XYLANASE Y'
2 non-polymer SINAPINATE
3 non-polymer GLYCEROL
4 non-polymer 'ACETIC ACID'
5 non-polymer 'CADMIUM ION'
6 water water
#
_entity_poly.entity_id   1
_entity_poly.type   'polypeptide(L)'
_entity_poly.pdbx_seq_one_letter_code
;MASDKFPVAENPSSSFKYESAVQYRPAPDSYLNPCPQAGRIVKETYTGINGTKSLNVYLPYGYDPNKKYNIFYLMHGGGE
NENTIFSNDVKLQNILDHAIMNGELEPLIVVTPTFNGGNCTAQNFYQEFRQNVIPFVESKYSTYAESTTPQGIAASRMHR
GFGGFAMGGLTTWYVMVNCLDYVAYFMPLSGDYWYGNSPQDKANSIAEAINRSGLSKREYFVFAATGSEDIAYANMNPQI
EAMKALPHFDYTSDFSKGNFYFLVAPGATHWWGYVRHYIYDALPYFFHELEHHHHHH
;
_entity_poly.pdbx_strand_id   A,B
#
# COMPACT_ATOMS: atom_id res chain seq x y z
N SER A 15 -5.96 -11.55 -37.12
CA SER A 15 -5.28 -12.87 -37.07
C SER A 15 -5.54 -13.55 -35.70
N PHE A 16 -5.46 -12.78 -34.63
CA PHE A 16 -5.61 -13.38 -33.30
C PHE A 16 -7.00 -13.97 -32.98
N LYS A 17 -7.00 -15.20 -32.41
CA LYS A 17 -8.22 -15.84 -31.90
C LYS A 17 -7.92 -16.36 -30.49
N TYR A 18 -8.80 -16.07 -29.56
CA TYR A 18 -8.69 -16.65 -28.21
C TYR A 18 -8.71 -18.19 -28.24
N GLU A 19 -7.80 -18.80 -27.46
N GLU A 19 -7.82 -18.79 -27.44
CA GLU A 19 -7.87 -20.21 -27.04
CA GLU A 19 -7.92 -20.21 -27.04
C GLU A 19 -8.36 -20.23 -25.60
C GLU A 19 -8.35 -20.24 -25.61
N SER A 20 -8.96 -21.35 -25.18
CA SER A 20 -9.44 -21.44 -23.82
C SER A 20 -8.41 -21.88 -22.82
N ALA A 21 -7.36 -22.55 -23.28
CA ALA A 21 -6.24 -22.99 -22.41
C ALA A 21 -4.96 -22.80 -23.15
N VAL A 22 -4.61 -21.56 -23.42
CA VAL A 22 -3.42 -21.29 -24.18
C VAL A 22 -2.15 -21.90 -23.49
N GLN A 23 -1.27 -22.43 -24.31
CA GLN A 23 -0.05 -23.04 -23.83
C GLN A 23 1.15 -22.16 -24.07
N TYR A 24 2.17 -22.31 -23.26
CA TYR A 24 3.43 -21.63 -23.39
C TYR A 24 4.07 -21.92 -24.73
N ARG A 25 4.51 -20.86 -25.40
CA ARG A 25 5.23 -20.98 -26.67
C ARG A 25 6.17 -19.81 -26.73
N PRO A 26 7.47 -20.04 -26.79
CA PRO A 26 8.37 -18.89 -26.93
C PRO A 26 8.21 -18.19 -28.28
N ALA A 27 8.51 -16.92 -28.33
CA ALA A 27 8.61 -16.26 -29.62
C ALA A 27 9.68 -16.95 -30.42
N PRO A 28 9.55 -16.99 -31.74
CA PRO A 28 10.66 -17.49 -32.56
C PRO A 28 12.00 -16.81 -32.22
N ASP A 29 13.16 -17.48 -32.35
CA ASP A 29 14.44 -16.85 -32.06
C ASP A 29 14.61 -15.56 -32.89
N SER A 30 14.09 -15.57 -34.08
CA SER A 30 14.19 -14.38 -34.96
C SER A 30 13.53 -13.12 -34.36
N TYR A 31 12.59 -13.30 -33.45
CA TYR A 31 11.92 -12.17 -32.81
C TYR A 31 12.81 -11.46 -31.82
N LEU A 32 13.94 -12.08 -31.44
CA LEU A 32 14.87 -11.49 -30.51
C LEU A 32 15.89 -10.57 -31.15
N ASN A 33 15.86 -10.52 -32.49
CA ASN A 33 16.76 -9.63 -33.22
C ASN A 33 15.97 -8.41 -33.70
N PRO A 34 16.65 -7.32 -33.99
CA PRO A 34 15.95 -6.10 -34.40
C PRO A 34 15.06 -6.28 -35.60
N CYS A 35 13.89 -5.67 -35.57
CA CYS A 35 12.91 -5.62 -36.66
C CYS A 35 13.06 -4.29 -37.39
N PRO A 36 12.94 -4.28 -38.73
CA PRO A 36 13.00 -3.01 -39.44
C PRO A 36 11.84 -2.09 -39.10
N GLN A 37 10.69 -2.60 -38.70
CA GLN A 37 9.54 -1.79 -38.33
C GLN A 37 9.62 -1.51 -36.82
N ALA A 38 10.61 -0.71 -36.42
CA ALA A 38 10.92 -0.51 -35.01
C ALA A 38 10.10 0.60 -34.40
N GLY A 39 9.43 0.29 -33.32
CA GLY A 39 8.79 1.33 -32.51
C GLY A 39 9.81 2.24 -31.92
N ARG A 40 9.47 3.49 -31.68
CA ARG A 40 10.34 4.45 -31.03
C ARG A 40 10.28 4.28 -29.53
N ILE A 41 11.41 4.33 -28.88
CA ILE A 41 11.47 4.27 -27.41
C ILE A 41 11.94 5.63 -26.92
N VAL A 42 11.13 6.27 -26.11
CA VAL A 42 11.38 7.62 -25.63
C VAL A 42 11.67 7.58 -24.13
N LYS A 43 12.81 8.10 -23.72
CA LYS A 43 13.19 8.24 -22.30
C LYS A 43 12.57 9.53 -21.84
N GLU A 44 11.76 9.44 -20.79
CA GLU A 44 11.06 10.56 -20.20
C GLU A 44 11.49 10.78 -18.79
N THR A 45 11.39 12.01 -18.35
CA THR A 45 11.63 12.39 -16.96
C THR A 45 10.51 13.26 -16.47
N TYR A 46 10.02 12.99 -15.27
CA TYR A 46 8.85 13.65 -14.72
C TYR A 46 9.09 13.81 -13.21
N THR A 47 8.31 14.67 -12.57
CA THR A 47 8.37 14.85 -11.09
C THR A 47 7.01 14.53 -10.52
N GLY A 48 7.01 13.71 -9.48
CA GLY A 48 5.81 13.29 -8.83
C GLY A 48 6.03 13.17 -7.33
N ILE A 49 5.17 12.39 -6.71
CA ILE A 49 5.21 12.31 -5.21
C ILE A 49 6.45 11.63 -4.69
N ASN A 50 7.21 10.92 -5.55
CA ASN A 50 8.48 10.32 -5.21
C ASN A 50 9.66 11.03 -5.84
N GLY A 51 9.46 12.29 -6.18
CA GLY A 51 10.54 13.07 -6.73
C GLY A 51 10.66 12.94 -8.24
N THR A 52 11.77 13.40 -8.74
CA THR A 52 12.06 13.37 -10.16
C THR A 52 12.57 11.97 -10.50
N LYS A 53 11.90 11.37 -11.48
CA LYS A 53 12.11 9.99 -11.88
C LYS A 53 11.96 9.88 -13.40
N SER A 54 12.42 8.75 -13.93
CA SER A 54 12.32 8.52 -15.38
C SER A 54 11.55 7.24 -15.69
N LEU A 55 11.17 7.13 -16.94
CA LEU A 55 10.53 5.95 -17.50
C LEU A 55 10.83 5.89 -18.97
N ASN A 56 10.58 4.76 -19.61
CA ASN A 56 10.59 4.67 -21.07
C ASN A 56 9.23 4.43 -21.62
N VAL A 57 8.95 5.03 -22.78
CA VAL A 57 7.73 4.81 -23.51
C VAL A 57 8.04 4.21 -24.85
N TYR A 58 7.56 3.02 -25.12
CA TYR A 58 7.56 2.38 -26.43
C TYR A 58 6.33 2.79 -27.18
N LEU A 59 6.54 3.41 -28.34
CA LEU A 59 5.50 3.79 -29.26
C LEU A 59 5.50 2.80 -30.42
N PRO A 60 4.38 2.31 -30.88
CA PRO A 60 4.41 1.33 -31.97
C PRO A 60 4.88 1.98 -33.25
N TYR A 61 5.43 1.17 -34.14
CA TYR A 61 5.77 1.61 -35.49
C TYR A 61 4.50 2.13 -36.15
N GLY A 62 4.65 3.29 -36.76
CA GLY A 62 3.49 3.96 -37.35
C GLY A 62 2.63 4.77 -36.41
N TYR A 63 3.07 4.92 -35.17
CA TYR A 63 2.33 5.67 -34.17
C TYR A 63 1.81 6.96 -34.77
N ASP A 64 0.51 7.11 -34.60
CA ASP A 64 -0.23 8.30 -35.11
C ASP A 64 -1.00 8.89 -33.94
N PRO A 65 -0.62 10.10 -33.47
CA PRO A 65 -1.32 10.71 -32.34
C PRO A 65 -2.77 11.03 -32.55
N ASN A 66 -3.24 10.97 -33.78
CA ASN A 66 -4.68 11.11 -34.05
C ASN A 66 -5.48 9.84 -34.02
N LYS A 67 -4.79 8.72 -33.69
CA LYS A 67 -5.44 7.44 -33.37
C LYS A 67 -5.35 7.22 -31.89
N LYS A 68 -6.09 6.28 -31.39
CA LYS A 68 -6.09 5.94 -29.96
C LYS A 68 -5.48 4.55 -29.80
N TYR A 69 -4.55 4.44 -28.85
CA TYR A 69 -3.84 3.17 -28.59
C TYR A 69 -4.09 2.64 -27.20
N ASN A 70 -4.23 1.32 -27.12
CA ASN A 70 -4.13 0.62 -25.82
C ASN A 70 -2.80 0.99 -25.18
N ILE A 71 -2.77 0.89 -23.86
CA ILE A 71 -1.55 1.15 -23.13
C ILE A 71 -1.35 0.13 -22.04
N PHE A 72 -0.11 -0.37 -21.98
CA PHE A 72 0.32 -1.40 -21.04
C PHE A 72 1.54 -0.93 -20.28
N TYR A 73 1.40 -0.82 -18.96
CA TYR A 73 2.50 -0.44 -18.09
C TYR A 73 3.15 -1.71 -17.52
N LEU A 74 4.46 -1.78 -17.52
CA LEU A 74 5.17 -3.02 -17.24
C LEU A 74 6.35 -2.76 -16.34
N MET A 75 6.30 -3.37 -15.15
CA MET A 75 7.28 -3.13 -14.11
C MET A 75 8.37 -4.19 -14.02
N HIS A 76 9.59 -3.69 -13.84
CA HIS A 76 10.78 -4.48 -13.64
C HIS A 76 10.75 -5.19 -12.27
N GLY A 77 11.78 -6.00 -12.06
CA GLY A 77 11.97 -6.75 -10.82
C GLY A 77 12.97 -6.11 -9.89
N GLY A 78 13.20 -6.80 -8.79
CA GLY A 78 14.15 -6.30 -7.81
C GLY A 78 15.54 -6.15 -8.35
N GLY A 79 16.19 -5.04 -7.99
CA GLY A 79 17.50 -4.76 -8.47
C GLY A 79 17.59 -4.18 -9.85
N GLU A 80 16.46 -3.99 -10.49
CA GLU A 80 16.40 -3.52 -11.88
C GLU A 80 15.94 -2.10 -11.90
N ASN A 81 15.66 -1.57 -13.10
N ASN A 81 15.72 -1.57 -13.10
CA ASN A 81 15.31 -0.17 -13.22
CA ASN A 81 15.31 -0.17 -13.24
C ASN A 81 14.47 0.01 -14.51
C ASN A 81 14.46 0.00 -14.53
N GLU A 82 14.05 1.24 -14.77
CA GLU A 82 13.18 1.58 -15.91
C GLU A 82 13.77 1.29 -17.27
N ASN A 83 15.09 1.05 -17.30
CA ASN A 83 15.80 0.71 -18.54
C ASN A 83 15.97 -0.75 -18.79
N THR A 84 15.70 -1.61 -17.81
CA THR A 84 16.04 -2.99 -17.93
C THR A 84 15.30 -3.70 -19.06
N ILE A 85 14.00 -3.51 -19.15
CA ILE A 85 13.19 -4.34 -20.06
C ILE A 85 13.54 -4.07 -21.54
N PHE A 86 13.97 -2.84 -21.86
CA PHE A 86 14.39 -2.50 -23.23
C PHE A 86 15.91 -2.57 -23.38
N SER A 87 16.62 -3.07 -22.38
CA SER A 87 18.06 -3.19 -22.46
C SER A 87 18.42 -4.45 -23.23
N ASN A 88 19.72 -4.59 -23.47
CA ASN A 88 20.20 -5.77 -24.13
C ASN A 88 20.02 -7.07 -23.36
N ASP A 89 19.72 -7.00 -22.08
CA ASP A 89 19.51 -8.18 -21.26
C ASP A 89 18.12 -8.78 -21.46
N VAL A 90 17.21 -8.03 -22.12
CA VAL A 90 15.82 -8.46 -22.24
C VAL A 90 15.35 -8.33 -23.70
N LYS A 91 15.47 -7.13 -24.25
CA LYS A 91 15.13 -6.88 -25.65
C LYS A 91 13.64 -7.07 -25.97
N LEU A 92 12.80 -6.69 -25.03
CA LEU A 92 11.37 -6.88 -25.24
C LEU A 92 10.89 -6.11 -26.47
N GLN A 93 11.48 -4.97 -26.76
CA GLN A 93 11.05 -4.16 -27.89
C GLN A 93 11.14 -4.94 -29.22
N ASN A 94 12.11 -5.85 -29.33
CA ASN A 94 12.26 -6.63 -30.55
C ASN A 94 11.05 -7.56 -30.71
N ILE A 95 10.64 -8.20 -29.62
CA ILE A 95 9.45 -9.03 -29.63
C ILE A 95 8.22 -8.23 -29.95
N LEU A 96 8.03 -7.06 -29.30
CA LEU A 96 6.89 -6.20 -29.63
C LEU A 96 6.89 -5.81 -31.10
N ASP A 97 8.04 -5.35 -31.56
CA ASP A 97 8.11 -4.89 -32.96
C ASP A 97 7.69 -6.00 -33.92
N HIS A 98 8.29 -7.17 -33.75
CA HIS A 98 7.98 -8.26 -34.67
C HIS A 98 6.52 -8.73 -34.55
N ALA A 99 5.99 -8.81 -33.32
CA ALA A 99 4.61 -9.24 -33.15
C ALA A 99 3.63 -8.24 -33.77
N ILE A 100 3.88 -6.95 -33.63
CA ILE A 100 3.02 -5.93 -34.19
C ILE A 100 3.14 -5.96 -35.73
N MET A 101 4.33 -6.08 -36.25
CA MET A 101 4.50 -6.12 -37.73
C MET A 101 3.80 -7.30 -38.32
N ASN A 102 3.87 -8.45 -37.64
CA ASN A 102 3.23 -9.67 -38.16
C ASN A 102 1.77 -9.76 -37.88
N GLY A 103 1.19 -8.87 -37.14
CA GLY A 103 -0.24 -8.84 -36.90
C GLY A 103 -0.76 -9.68 -35.76
N GLU A 104 0.14 -10.26 -35.00
CA GLU A 104 -0.13 -11.09 -33.81
C GLU A 104 -0.64 -10.22 -32.64
N LEU A 105 -0.15 -9.01 -32.56
CA LEU A 105 -0.39 -8.09 -31.48
C LEU A 105 -0.84 -6.76 -32.12
N GLU A 106 -1.96 -6.24 -31.72
CA GLU A 106 -2.39 -4.93 -32.17
C GLU A 106 -1.45 -3.87 -31.64
N PRO A 107 -1.14 -2.83 -32.40
CA PRO A 107 -0.26 -1.80 -31.91
C PRO A 107 -0.77 -1.19 -30.60
N LEU A 108 0.19 -0.98 -29.71
CA LEU A 108 -0.07 -0.39 -28.40
C LEU A 108 1.15 0.32 -27.90
N ILE A 109 0.94 1.15 -26.91
CA ILE A 109 2.01 1.84 -26.19
C ILE A 109 2.39 0.96 -24.98
N VAL A 110 3.68 0.79 -24.79
CA VAL A 110 4.21 0.05 -23.63
C VAL A 110 5.11 0.93 -22.84
N VAL A 111 4.81 1.06 -21.55
CA VAL A 111 5.56 1.96 -20.66
C VAL A 111 6.31 1.17 -19.62
N THR A 112 7.59 1.44 -19.44
CA THR A 112 8.39 0.78 -18.40
C THR A 112 8.83 1.80 -17.36
N PRO A 113 8.09 1.94 -16.25
CA PRO A 113 8.43 2.88 -15.19
C PRO A 113 9.35 2.20 -14.19
N THR A 114 9.54 2.79 -13.01
CA THR A 114 10.34 2.17 -11.97
C THR A 114 9.67 2.43 -10.62
N PHE A 115 9.86 1.44 -9.76
CA PHE A 115 9.52 1.57 -8.35
C PHE A 115 10.70 2.06 -7.50
N ASN A 116 11.81 2.41 -8.11
CA ASN A 116 12.92 3.05 -7.42
C ASN A 116 12.65 4.55 -7.25
N GLY A 117 13.39 5.15 -6.30
CA GLY A 117 13.46 6.60 -6.18
C GLY A 117 12.60 7.15 -5.09
N GLY A 118 13.12 8.15 -4.39
CA GLY A 118 12.35 8.79 -3.34
C GLY A 118 11.84 7.81 -2.27
N ASN A 119 10.57 7.92 -1.96
CA ASN A 119 9.86 7.07 -1.03
C ASN A 119 9.26 5.88 -1.72
N CYS A 120 9.55 5.70 -3.01
CA CYS A 120 8.81 4.66 -3.74
C CYS A 120 9.32 3.29 -3.40
N THR A 121 8.39 2.33 -3.42
CA THR A 121 8.67 0.92 -3.27
C THR A 121 7.82 0.12 -4.25
N ALA A 122 8.16 -1.15 -4.40
CA ALA A 122 7.35 -2.03 -5.23
C ALA A 122 5.90 -2.10 -4.74
N GLN A 123 5.73 -2.05 -3.41
CA GLN A 123 4.42 -2.08 -2.80
C GLN A 123 3.64 -0.82 -3.02
N ASN A 124 4.24 0.36 -2.85
CA ASN A 124 3.52 1.63 -2.83
C ASN A 124 3.47 2.37 -4.16
N PHE A 125 4.09 1.77 -5.20
CA PHE A 125 4.22 2.46 -6.48
C PHE A 125 2.87 2.86 -7.05
N TYR A 126 1.81 2.09 -6.78
CA TYR A 126 0.51 2.40 -7.31
C TYR A 126 0.07 3.84 -7.04
N GLN A 127 0.50 4.41 -5.90
CA GLN A 127 0.08 5.75 -5.65
C GLN A 127 0.62 6.78 -6.66
N GLU A 128 1.91 6.67 -6.89
CA GLU A 128 2.58 7.47 -7.91
C GLU A 128 2.04 7.18 -9.31
N PHE A 129 1.73 5.91 -9.57
CA PHE A 129 1.13 5.49 -10.84
C PHE A 129 -0.14 6.28 -11.09
N ARG A 130 -1.03 6.30 -10.12
CA ARG A 130 -2.31 7.00 -10.25
C ARG A 130 -2.14 8.51 -10.42
N GLN A 131 -1.33 9.11 -9.57
CA GLN A 131 -1.26 10.57 -9.49
C GLN A 131 -0.37 11.22 -10.48
N ASN A 132 0.71 10.53 -10.83
CA ASN A 132 1.78 11.14 -11.60
C ASN A 132 2.05 10.48 -12.95
N VAL A 133 2.20 9.15 -12.94
CA VAL A 133 2.60 8.46 -14.14
C VAL A 133 1.53 8.46 -15.22
N ILE A 134 0.29 8.10 -14.91
CA ILE A 134 -0.77 8.09 -15.89
C ILE A 134 -0.96 9.52 -16.45
N PRO A 135 -1.14 10.55 -15.62
CA PRO A 135 -1.32 11.86 -16.23
C PRO A 135 -0.14 12.31 -17.04
N PHE A 136 1.10 12.03 -16.65
CA PHE A 136 2.25 12.47 -17.42
C PHE A 136 2.26 11.79 -18.79
N VAL A 137 2.18 10.47 -18.80
CA VAL A 137 2.27 9.73 -20.06
C VAL A 137 1.08 9.97 -20.94
N GLU A 138 -0.12 9.91 -20.41
CA GLU A 138 -1.32 9.92 -21.22
C GLU A 138 -1.81 11.31 -21.60
N SER A 139 -1.17 12.32 -21.04
CA SER A 139 -1.36 13.69 -21.57
C SER A 139 -0.47 13.93 -22.77
N LYS A 140 0.64 13.21 -22.87
CA LYS A 140 1.63 13.38 -23.94
C LYS A 140 1.31 12.53 -25.15
N TYR A 141 0.84 11.30 -24.90
CA TYR A 141 0.64 10.31 -25.91
C TYR A 141 -0.84 9.91 -26.01
N SER A 142 -1.23 9.35 -27.16
CA SER A 142 -2.61 9.17 -27.49
C SER A 142 -3.11 7.77 -27.11
N THR A 143 -3.78 7.72 -25.98
CA THR A 143 -4.46 6.56 -25.48
C THR A 143 -5.95 6.75 -25.63
N TYR A 144 -6.77 5.93 -25.02
CA TYR A 144 -8.20 6.14 -25.03
C TYR A 144 -8.63 7.20 -24.02
N ALA A 145 -7.72 7.67 -23.20
CA ALA A 145 -8.07 8.76 -22.25
C ALA A 145 -8.28 10.04 -23.04
N GLU A 146 -9.48 10.55 -23.05
CA GLU A 146 -9.72 11.85 -23.71
C GLU A 146 -9.12 13.00 -22.91
N SER A 147 -9.08 12.85 -21.59
CA SER A 147 -8.33 13.71 -20.71
C SER A 147 -7.73 12.89 -19.57
N THR A 148 -6.88 13.46 -18.77
CA THR A 148 -6.23 12.75 -17.69
C THR A 148 -6.65 13.22 -16.32
N THR A 149 -7.87 13.75 -16.22
CA THR A 149 -8.54 13.86 -14.94
C THR A 149 -8.87 12.45 -14.45
N PRO A 150 -9.14 12.26 -13.15
CA PRO A 150 -9.62 10.96 -12.68
C PRO A 150 -10.76 10.41 -13.50
N GLN A 151 -11.71 11.25 -13.87
CA GLN A 151 -12.81 10.81 -14.69
C GLN A 151 -12.37 10.33 -16.06
N GLY A 152 -11.46 11.05 -16.70
CA GLY A 152 -10.97 10.68 -18.00
C GLY A 152 -10.15 9.37 -18.01
N ILE A 153 -9.41 9.16 -16.93
CA ILE A 153 -8.64 7.91 -16.76
C ILE A 153 -9.63 6.77 -16.51
N ALA A 154 -10.58 6.95 -15.59
CA ALA A 154 -11.51 5.89 -15.30
C ALA A 154 -12.34 5.51 -16.51
N ALA A 155 -12.72 6.48 -17.33
CA ALA A 155 -13.54 6.21 -18.48
C ALA A 155 -12.86 5.41 -19.57
N SER A 156 -11.52 5.31 -19.51
CA SER A 156 -10.73 4.65 -20.49
C SER A 156 -10.08 3.38 -19.93
N ARG A 157 -10.51 2.92 -18.75
CA ARG A 157 -9.86 1.79 -18.04
C ARG A 157 -9.90 0.50 -18.84
N MET A 158 -10.85 0.26 -19.74
CA MET A 158 -10.84 -0.98 -20.49
C MET A 158 -9.69 -1.07 -21.49
N HIS A 159 -8.97 0.00 -21.65
CA HIS A 159 -7.88 0.03 -22.64
C HIS A 159 -6.55 0.29 -21.97
N ARG A 160 -6.46 -0.05 -20.69
CA ARG A 160 -5.27 0.18 -19.86
C ARG A 160 -4.97 -1.12 -19.10
N GLY A 161 -3.69 -1.51 -19.15
CA GLY A 161 -3.22 -2.71 -18.45
C GLY A 161 -1.96 -2.44 -17.67
N PHE A 162 -1.70 -3.34 -16.71
CA PHE A 162 -0.53 -3.27 -15.86
C PHE A 162 0.00 -4.66 -15.67
N GLY A 163 1.31 -4.84 -15.78
CA GLY A 163 1.95 -6.09 -15.45
C GLY A 163 3.34 -5.88 -14.95
N GLY A 164 4.03 -6.95 -14.61
CA GLY A 164 5.35 -6.82 -14.04
C GLY A 164 5.91 -8.15 -13.57
N PHE A 165 7.22 -8.19 -13.42
CA PHE A 165 7.95 -9.40 -13.08
C PHE A 165 8.54 -9.32 -11.66
N ALA A 166 8.31 -10.41 -10.91
CA ALA A 166 8.97 -10.63 -9.61
C ALA A 166 8.50 -9.59 -8.61
N MET A 167 9.37 -8.72 -8.09
CA MET A 167 8.84 -7.63 -7.28
C MET A 167 7.89 -6.74 -8.09
N GLY A 168 8.05 -6.67 -9.42
CA GLY A 168 7.09 -6.00 -10.27
C GLY A 168 5.77 -6.70 -10.46
N GLY A 169 5.77 -8.00 -10.22
CA GLY A 169 4.56 -8.78 -10.08
C GLY A 169 3.83 -8.42 -8.80
N LEU A 170 4.58 -8.32 -7.70
CA LEU A 170 3.98 -7.77 -6.49
C LEU A 170 3.38 -6.36 -6.77
N THR A 171 4.12 -5.49 -7.47
CA THR A 171 3.59 -4.19 -7.79
C THR A 171 2.24 -4.30 -8.51
N THR A 172 2.18 -5.25 -9.46
CA THR A 172 0.96 -5.47 -10.23
C THR A 172 -0.24 -5.79 -9.35
N TRP A 173 -0.03 -6.71 -8.39
CA TRP A 173 -1.13 -7.07 -7.49
C TRP A 173 -1.61 -5.88 -6.65
N TYR A 174 -0.66 -5.06 -6.16
CA TYR A 174 -1.05 -3.87 -5.45
C TYR A 174 -1.74 -2.81 -6.33
N VAL A 175 -1.32 -2.71 -7.61
CA VAL A 175 -2.01 -1.90 -8.58
C VAL A 175 -3.43 -2.42 -8.77
N MET A 176 -3.61 -3.73 -8.90
CA MET A 176 -4.95 -4.27 -9.07
C MET A 176 -5.86 -3.91 -7.91
N VAL A 177 -5.41 -4.18 -6.70
CA VAL A 177 -6.24 -3.98 -5.51
CA VAL A 177 -6.33 -3.99 -5.57
C VAL A 177 -6.62 -2.52 -5.32
N ASN A 178 -5.73 -1.61 -5.71
CA ASN A 178 -5.92 -0.19 -5.47
C ASN A 178 -6.35 0.64 -6.68
N CYS A 179 -6.39 0.01 -7.87
CA CYS A 179 -6.58 0.75 -9.12
C CYS A 179 -7.50 0.09 -10.10
N LEU A 180 -8.46 -0.71 -9.63
CA LEU A 180 -9.46 -1.26 -10.52
C LEU A 180 -10.27 -0.20 -11.26
N ASP A 181 -10.43 0.97 -10.64
CA ASP A 181 -11.09 2.07 -11.29
C ASP A 181 -10.39 2.54 -12.56
N TYR A 182 -9.09 2.38 -12.61
CA TYR A 182 -8.25 2.86 -13.69
C TYR A 182 -7.73 1.83 -14.67
N VAL A 183 -7.73 0.56 -14.27
CA VAL A 183 -7.03 -0.50 -15.01
C VAL A 183 -7.90 -1.73 -15.08
N ALA A 184 -8.06 -2.32 -16.26
CA ALA A 184 -8.86 -3.50 -16.43
C ALA A 184 -8.09 -4.78 -16.64
N TYR A 185 -6.86 -4.74 -17.14
CA TYR A 185 -6.10 -5.91 -17.50
C TYR A 185 -4.82 -5.99 -16.69
N PHE A 186 -4.57 -7.15 -16.11
CA PHE A 186 -3.46 -7.35 -15.19
C PHE A 186 -2.61 -8.52 -15.60
N MET A 187 -1.29 -8.38 -15.62
CA MET A 187 -0.37 -9.44 -16.01
C MET A 187 0.73 -9.62 -14.97
N PRO A 188 0.42 -10.23 -13.81
CA PRO A 188 1.43 -10.49 -12.81
C PRO A 188 2.28 -11.68 -13.25
N LEU A 189 3.59 -11.48 -13.27
CA LEU A 189 4.55 -12.45 -13.76
C LEU A 189 5.49 -12.86 -12.63
N SER A 190 5.46 -14.13 -12.23
CA SER A 190 6.38 -14.62 -11.22
C SER A 190 6.45 -13.76 -9.96
N GLY A 191 5.30 -13.45 -9.43
CA GLY A 191 5.19 -12.78 -8.14
C GLY A 191 3.81 -12.96 -7.62
N ASP A 192 3.71 -13.11 -6.31
CA ASP A 192 2.43 -13.16 -5.62
C ASP A 192 2.10 -11.84 -4.89
N TYR A 193 0.88 -11.80 -4.38
CA TYR A 193 0.34 -10.65 -3.64
C TYR A 193 0.68 -10.84 -2.16
N TRP A 194 1.40 -9.92 -1.53
N TRP A 194 1.60 -10.03 -1.63
CA TRP A 194 1.91 -10.16 -0.17
CA TRP A 194 1.94 -10.05 -0.21
C TRP A 194 0.94 -9.77 0.97
C TRP A 194 1.00 -9.19 0.59
N TYR A 195 -0.25 -9.32 0.63
N TYR A 195 -0.16 -9.74 0.83
CA TYR A 195 -1.22 -8.97 1.65
CA TYR A 195 -1.14 -9.09 1.68
C TYR A 195 -2.02 -10.17 2.17
N GLY A 196 -1.60 -10.71 3.30
CA GLY A 196 -2.39 -11.77 3.90
C GLY A 196 -1.51 -12.89 4.41
N ASN A 197 -1.98 -13.57 5.45
CA ASN A 197 -1.27 -14.63 6.10
C ASN A 197 -1.60 -15.99 5.54
N SER A 198 -2.51 -16.06 4.60
CA SER A 198 -2.89 -17.31 3.91
C SER A 198 -3.29 -16.95 2.49
N PRO A 199 -3.35 -17.95 1.61
CA PRO A 199 -3.87 -17.69 0.26
C PRO A 199 -5.29 -17.20 0.23
N GLN A 200 -6.12 -17.66 1.16
CA GLN A 200 -7.48 -17.17 1.26
C GLN A 200 -7.53 -15.69 1.64
N ASP A 201 -6.64 -15.22 2.53
CA ASP A 201 -6.63 -13.80 2.87
C ASP A 201 -6.30 -13.00 1.60
N LYS A 202 -5.36 -13.48 0.80
CA LYS A 202 -4.97 -12.76 -0.43
C LYS A 202 -6.16 -12.71 -1.40
N ALA A 203 -6.76 -13.87 -1.62
CA ALA A 203 -7.91 -13.93 -2.51
C ALA A 203 -9.08 -13.06 -2.03
N ASN A 204 -9.29 -13.08 -0.73
CA ASN A 204 -10.39 -12.33 -0.17
C ASN A 204 -10.17 -10.83 -0.29
N SER A 205 -8.91 -10.39 -0.15
CA SER A 205 -8.60 -8.98 -0.34
C SER A 205 -8.92 -8.53 -1.79
N ILE A 206 -8.53 -9.38 -2.73
CA ILE A 206 -8.81 -9.10 -4.13
C ILE A 206 -10.33 -9.05 -4.39
N ALA A 207 -11.03 -10.00 -3.82
CA ALA A 207 -12.49 -10.06 -3.95
C ALA A 207 -13.13 -8.83 -3.35
N GLU A 208 -12.64 -8.39 -2.19
CA GLU A 208 -13.22 -7.19 -1.60
C GLU A 208 -12.94 -5.93 -2.40
N ALA A 209 -11.76 -5.83 -3.01
CA ALA A 209 -11.47 -4.74 -3.92
C ALA A 209 -12.44 -4.74 -5.10
N ILE A 210 -12.67 -5.93 -5.65
CA ILE A 210 -13.64 -6.05 -6.74
C ILE A 210 -15.05 -5.61 -6.29
N ASN A 211 -15.45 -6.09 -5.11
CA ASN A 211 -16.78 -5.69 -4.56
C ASN A 211 -16.87 -4.19 -4.46
N ARG A 212 -15.86 -3.57 -3.85
CA ARG A 212 -15.88 -2.12 -3.70
C ARG A 212 -15.93 -1.38 -5.02
N SER A 213 -15.27 -1.92 -6.04
CA SER A 213 -15.26 -1.27 -7.35
C SER A 213 -16.62 -1.24 -8.05
N GLY A 214 -17.46 -2.17 -7.69
CA GLY A 214 -18.76 -2.37 -8.36
C GLY A 214 -18.70 -3.02 -9.73
N LEU A 215 -17.49 -3.34 -10.20
CA LEU A 215 -17.35 -3.88 -11.53
C LEU A 215 -17.93 -5.27 -11.72
N SER A 216 -18.36 -5.56 -12.92
CA SER A 216 -18.76 -6.91 -13.31
C SER A 216 -17.54 -7.74 -13.63
N LYS A 217 -17.73 -9.05 -13.69
CA LYS A 217 -16.70 -9.97 -14.07
C LYS A 217 -16.26 -9.87 -15.49
N ARG A 218 -16.95 -9.08 -16.32
CA ARG A 218 -16.56 -8.80 -17.70
C ARG A 218 -15.74 -7.53 -17.81
N GLU A 219 -15.32 -6.98 -16.71
CA GLU A 219 -14.70 -5.65 -16.66
C GLU A 219 -13.30 -5.66 -16.02
N TYR A 220 -12.81 -6.84 -15.64
CA TYR A 220 -11.41 -6.95 -15.18
C TYR A 220 -10.95 -8.37 -15.57
N PHE A 221 -9.64 -8.48 -15.82
CA PHE A 221 -9.04 -9.66 -16.41
C PHE A 221 -7.64 -9.85 -15.83
N VAL A 222 -7.34 -11.05 -15.43
CA VAL A 222 -6.03 -11.36 -14.89
C VAL A 222 -5.43 -12.52 -15.64
N PHE A 223 -4.30 -12.27 -16.27
CA PHE A 223 -3.51 -13.30 -16.97
C PHE A 223 -2.17 -13.36 -16.26
N ALA A 224 -2.09 -14.30 -15.32
CA ALA A 224 -0.89 -14.50 -14.54
C ALA A 224 0.01 -15.51 -15.22
N ALA A 225 1.31 -15.47 -14.99
CA ALA A 225 2.18 -16.47 -15.58
C ALA A 225 3.43 -16.62 -14.73
N THR A 226 4.02 -17.82 -14.84
CA THR A 226 5.32 -18.08 -14.28
C THR A 226 5.88 -19.33 -14.96
N GLY A 227 7.07 -19.72 -14.54
CA GLY A 227 7.71 -20.94 -15.00
C GLY A 227 7.56 -22.09 -14.03
N SER A 228 7.51 -23.32 -14.56
CA SER A 228 7.36 -24.47 -13.63
C SER A 228 8.61 -24.67 -12.78
N GLU A 229 9.73 -24.10 -13.15
CA GLU A 229 10.94 -24.12 -12.36
C GLU A 229 11.31 -22.78 -11.81
N ASP A 230 10.34 -21.86 -11.74
CA ASP A 230 10.54 -20.51 -11.22
C ASP A 230 10.14 -20.53 -9.76
N ILE A 231 11.07 -20.11 -8.89
CA ILE A 231 10.81 -20.08 -7.50
C ILE A 231 9.49 -19.41 -7.10
N ALA A 232 9.03 -18.41 -7.87
CA ALA A 232 7.81 -17.73 -7.52
C ALA A 232 6.56 -18.58 -7.60
N TYR A 233 6.63 -19.69 -8.33
CA TYR A 233 5.53 -20.62 -8.41
C TYR A 233 5.05 -21.05 -7.02
N ALA A 234 6.00 -21.23 -6.12
CA ALA A 234 5.65 -21.71 -4.77
C ALA A 234 4.62 -20.87 -4.07
N ASN A 235 4.72 -19.56 -4.26
CA ASN A 235 3.78 -18.63 -3.61
C ASN A 235 2.65 -18.26 -4.53
N MET A 236 2.86 -18.23 -5.86
CA MET A 236 1.76 -17.93 -6.76
C MET A 236 0.72 -18.98 -6.84
N ASN A 237 1.14 -20.27 -6.93
CA ASN A 237 0.20 -21.32 -7.18
C ASN A 237 -0.92 -21.40 -6.11
N PRO A 238 -0.55 -21.37 -4.80
CA PRO A 238 -1.64 -21.37 -3.82
C PRO A 238 -2.61 -20.20 -3.92
N GLN A 239 -2.06 -19.01 -4.25
CA GLN A 239 -2.92 -17.85 -4.41
C GLN A 239 -3.86 -18.00 -5.58
N ILE A 240 -3.34 -18.53 -6.71
CA ILE A 240 -4.17 -18.72 -7.91
C ILE A 240 -5.32 -19.69 -7.59
N GLU A 241 -4.97 -20.76 -6.89
CA GLU A 241 -6.02 -21.75 -6.55
C GLU A 241 -7.09 -21.15 -5.64
N ALA A 242 -6.69 -20.33 -4.68
CA ALA A 242 -7.66 -19.65 -3.82
C ALA A 242 -8.54 -18.68 -4.62
N MET A 243 -7.95 -17.98 -5.60
CA MET A 243 -8.71 -17.07 -6.44
C MET A 243 -9.70 -17.82 -7.34
N LYS A 244 -9.31 -18.99 -7.80
CA LYS A 244 -10.17 -19.79 -8.71
C LYS A 244 -11.47 -20.17 -7.98
N ALA A 245 -11.39 -20.29 -6.68
CA ALA A 245 -12.59 -20.65 -5.88
C ALA A 245 -13.54 -19.49 -5.66
N LEU A 246 -13.12 -18.26 -5.95
CA LEU A 246 -14.00 -17.11 -5.81
C LEU A 246 -15.01 -17.05 -6.94
N PRO A 247 -16.23 -16.55 -6.69
CA PRO A 247 -17.16 -16.33 -7.78
C PRO A 247 -16.71 -15.20 -8.74
N HIS A 248 -15.79 -14.38 -8.25
CA HIS A 248 -15.31 -13.20 -8.97
C HIS A 248 -14.52 -13.53 -10.23
N PHE A 249 -14.02 -14.76 -10.32
CA PHE A 249 -13.18 -15.19 -11.44
C PHE A 249 -13.74 -16.39 -12.14
N ASP A 250 -13.75 -16.34 -13.46
CA ASP A 250 -14.14 -17.42 -14.33
C ASP A 250 -12.88 -17.85 -15.07
N TYR A 251 -12.35 -19.04 -14.74
CA TYR A 251 -11.04 -19.49 -15.20
C TYR A 251 -11.06 -20.02 -16.61
N THR A 252 -10.31 -19.36 -17.48
CA THR A 252 -10.14 -19.67 -18.88
C THR A 252 -9.29 -18.52 -19.49
N SER A 253 -8.46 -18.85 -20.47
CA SER A 253 -7.79 -17.81 -21.26
C SER A 253 -8.64 -17.18 -22.34
N ASP A 254 -9.84 -17.75 -22.58
CA ASP A 254 -10.76 -17.13 -23.53
C ASP A 254 -11.48 -16.00 -22.85
N PHE A 255 -10.97 -14.76 -22.97
CA PHE A 255 -11.52 -13.60 -22.30
C PHE A 255 -12.81 -13.05 -22.89
N SER A 256 -13.27 -13.72 -23.96
CA SER A 256 -14.65 -13.50 -24.42
C SER A 256 -15.64 -14.27 -23.58
N LYS A 257 -15.15 -15.17 -22.74
CA LYS A 257 -15.96 -16.12 -21.92
CA LYS A 257 -16.01 -15.98 -21.88
C LYS A 257 -15.66 -16.12 -20.41
C LYS A 257 -15.78 -15.69 -20.41
N GLY A 258 -14.50 -15.65 -20.03
CA GLY A 258 -14.09 -15.56 -18.64
C GLY A 258 -12.99 -14.53 -18.51
N ASN A 259 -12.25 -14.61 -17.42
CA ASN A 259 -11.43 -13.44 -17.03
C ASN A 259 -10.20 -13.78 -16.24
N PHE A 260 -9.76 -15.04 -16.22
CA PHE A 260 -8.65 -15.44 -15.28
C PHE A 260 -7.91 -16.60 -15.85
N TYR A 261 -6.60 -16.51 -15.93
CA TYR A 261 -5.77 -17.60 -16.41
C TYR A 261 -4.42 -17.57 -15.75
N PHE A 262 -3.80 -18.73 -15.61
CA PHE A 262 -2.48 -18.87 -15.04
C PHE A 262 -1.62 -19.77 -15.95
N LEU A 263 -0.73 -19.19 -16.72
CA LEU A 263 0.12 -19.89 -17.65
C LEU A 263 1.41 -20.28 -16.93
N VAL A 264 1.72 -21.58 -16.96
CA VAL A 264 2.90 -22.12 -16.32
C VAL A 264 3.81 -22.76 -17.36
N ALA A 265 4.94 -22.18 -17.62
CA ALA A 265 5.82 -22.59 -18.72
C ALA A 265 6.70 -23.74 -18.28
N PRO A 266 6.60 -24.90 -18.94
CA PRO A 266 7.39 -26.04 -18.47
C PRO A 266 8.87 -25.82 -18.60
N GLY A 267 9.56 -26.02 -17.47
CA GLY A 267 10.99 -25.93 -17.39
C GLY A 267 11.61 -24.59 -17.18
N ALA A 268 10.79 -23.55 -17.27
CA ALA A 268 11.36 -22.22 -17.23
C ALA A 268 11.69 -21.78 -15.81
N THR A 269 12.79 -21.06 -15.71
CA THR A 269 13.30 -20.55 -14.44
C THR A 269 13.10 -19.03 -14.29
N HIS A 270 13.46 -18.48 -13.14
CA HIS A 270 13.22 -17.08 -12.79
C HIS A 270 14.22 -16.21 -13.47
N TRP A 271 13.93 -15.89 -14.74
CA TRP A 271 14.85 -15.18 -15.61
C TRP A 271 14.08 -14.46 -16.73
N TRP A 272 14.45 -13.21 -17.00
CA TRP A 272 13.84 -12.44 -18.09
C TRP A 272 13.91 -13.17 -19.44
N GLY A 273 14.90 -14.04 -19.61
CA GLY A 273 15.04 -14.74 -20.86
C GLY A 273 13.82 -15.57 -21.18
N TYR A 274 13.17 -16.13 -20.14
CA TYR A 274 11.90 -16.80 -20.27
C TYR A 274 10.71 -15.82 -20.13
N VAL A 275 10.75 -14.92 -19.14
CA VAL A 275 9.57 -14.12 -18.82
C VAL A 275 9.13 -13.25 -20.00
N ARG A 276 10.08 -12.79 -20.81
CA ARG A 276 9.72 -12.01 -22.01
C ARG A 276 8.74 -12.77 -22.90
N HIS A 277 8.88 -14.09 -22.99
CA HIS A 277 8.00 -14.93 -23.76
C HIS A 277 6.61 -15.03 -23.18
N TYR A 278 6.49 -14.92 -21.84
CA TYR A 278 5.17 -14.87 -21.26
C TYR A 278 4.39 -13.64 -21.73
N ILE A 279 5.08 -12.51 -21.87
CA ILE A 279 4.50 -11.29 -22.39
C ILE A 279 4.07 -11.49 -23.84
N TYR A 280 4.96 -12.12 -24.64
CA TYR A 280 4.62 -12.51 -26.01
C TYR A 280 3.34 -13.33 -26.05
N ASP A 281 3.21 -14.29 -25.14
CA ASP A 281 2.05 -15.16 -25.16
C ASP A 281 0.77 -14.47 -24.66
N ALA A 282 0.89 -13.64 -23.62
CA ALA A 282 -0.27 -13.06 -22.94
C ALA A 282 -0.72 -11.74 -23.49
N LEU A 283 0.19 -10.87 -23.89
CA LEU A 283 -0.21 -9.54 -24.28
C LEU A 283 -1.19 -9.50 -25.44
N PRO A 284 -1.06 -10.44 -26.39
CA PRO A 284 -2.08 -10.52 -27.47
C PRO A 284 -3.50 -10.80 -27.02
N TYR A 285 -3.66 -11.32 -25.79
CA TYR A 285 -4.98 -11.61 -25.23
C TYR A 285 -5.65 -10.35 -24.65
N PHE A 286 -4.92 -9.24 -24.52
CA PHE A 286 -5.45 -8.07 -23.82
C PHE A 286 -6.15 -7.07 -24.73
N PHE A 287 -7.15 -6.40 -24.18
CA PHE A 287 -7.72 -5.17 -24.74
C PHE A 287 -8.72 -5.44 -25.87
N HIS A 288 -9.32 -6.63 -25.97
CA HIS A 288 -10.33 -6.84 -26.99
C HIS A 288 -11.76 -6.80 -26.45
N GLU A 289 -11.95 -6.84 -25.16
CA GLU A 289 -13.28 -6.83 -24.57
C GLU A 289 -13.75 -5.39 -24.47
N LEU A 290 -14.92 -5.13 -25.07
CA LEU A 290 -15.42 -3.76 -25.18
C LEU A 290 -14.43 -2.90 -25.99
N GLU A 291 -13.74 -3.45 -26.97
CA GLU A 291 -12.84 -2.65 -27.77
C GLU A 291 -13.62 -1.87 -28.79
N HIS A 292 -12.96 -0.86 -29.34
CA HIS A 292 -13.65 0.04 -30.22
C HIS A 292 -13.53 -0.29 -31.68
N HIS A 293 -12.68 -1.21 -32.10
CA HIS A 293 -12.62 -1.72 -33.45
C HIS A 293 -13.60 -2.90 -33.56
N HIS A 294 -13.99 -3.21 -34.78
CA HIS A 294 -14.87 -4.33 -35.08
C HIS A 294 -14.01 -5.52 -35.46
N HIS A 295 -13.68 -6.34 -34.44
CA HIS A 295 -12.82 -7.50 -34.59
C HIS A 295 -13.47 -8.77 -34.19
N HIS A 296 -13.11 -9.86 -34.81
CA HIS A 296 -13.58 -11.21 -34.46
C HIS A 296 -12.43 -12.03 -33.90
N HIS A 297 -12.47 -12.33 -32.61
CA HIS A 297 -11.44 -13.13 -31.94
C HIS A 297 -11.98 -14.42 -31.40
N SER B 15 4.57 12.38 38.57
CA SER B 15 5.17 12.71 37.24
C SER B 15 5.62 11.40 36.58
N PHE B 16 5.59 11.39 35.27
CA PHE B 16 5.95 10.14 34.56
C PHE B 16 7.43 9.75 34.62
N LYS B 17 7.69 8.46 34.88
CA LYS B 17 9.02 7.87 34.81
C LYS B 17 8.97 6.60 33.96
N TYR B 18 9.84 6.45 32.99
CA TYR B 18 9.89 5.17 32.25
C TYR B 18 10.21 3.98 33.13
N GLU B 19 9.48 2.89 32.94
CA GLU B 19 9.85 1.55 33.40
C GLU B 19 10.39 0.78 32.22
N SER B 20 11.20 -0.24 32.46
CA SER B 20 11.77 -1.05 31.40
C SER B 20 10.89 -2.18 30.91
N ALA B 21 9.94 -2.62 31.74
CA ALA B 21 8.98 -3.66 31.35
C ALA B 21 7.62 -3.32 31.91
N VAL B 22 7.03 -2.26 31.41
CA VAL B 22 5.74 -1.81 31.91
C VAL B 22 4.70 -2.92 31.80
N GLN B 23 3.87 -3.03 32.84
CA GLN B 23 2.84 -4.05 32.88
C GLN B 23 1.48 -3.46 32.62
N TYR B 24 0.57 -4.28 32.11
CA TYR B 24 -0.81 -3.87 31.87
C TYR B 24 -1.48 -3.43 33.17
N ARG B 25 -2.17 -2.30 33.12
CA ARG B 25 -2.97 -1.82 34.21
C ARG B 25 -4.12 -1.01 33.63
N PRO B 26 -5.36 -1.39 33.86
CA PRO B 26 -6.47 -0.60 33.40
C PRO B 26 -6.51 0.73 34.09
N ALA B 27 -7.05 1.72 33.40
CA ALA B 27 -7.43 2.95 34.08
C ALA B 27 -8.42 2.64 35.17
N PRO B 28 -8.40 3.42 36.25
CA PRO B 28 -9.45 3.25 37.25
C PRO B 28 -10.83 3.34 36.63
N ASP B 29 -11.83 2.70 37.24
CA ASP B 29 -13.18 2.74 36.71
C ASP B 29 -13.72 4.17 36.59
N SER B 30 -13.30 5.02 37.53
CA SER B 30 -13.73 6.42 37.53
C SER B 30 -13.27 7.18 36.29
N TYR B 31 -12.22 6.68 35.62
CA TYR B 31 -11.73 7.34 34.41
C TYR B 31 -12.64 7.15 33.19
N LEU B 32 -13.61 6.23 33.30
CA LEU B 32 -14.56 5.97 32.25
C LEU B 32 -15.77 6.90 32.28
N ASN B 33 -15.90 7.68 33.38
CA ASN B 33 -16.96 8.69 33.46
C ASN B 33 -16.45 10.06 33.08
N PRO B 34 -17.32 10.97 32.65
CA PRO B 34 -16.86 12.30 32.25
C PRO B 34 -16.06 13.04 33.30
N CYS B 35 -14.99 13.69 32.89
CA CYS B 35 -14.16 14.56 33.70
C CYS B 35 -14.55 15.99 33.44
N PRO B 36 -14.62 16.85 34.47
CA PRO B 36 -14.95 18.25 34.21
C PRO B 36 -13.90 18.99 33.44
N GLN B 37 -12.64 18.56 33.46
CA GLN B 37 -11.60 19.20 32.69
C GLN B 37 -11.58 18.57 31.31
N ALA B 38 -12.61 18.79 30.52
CA ALA B 38 -12.82 18.02 29.32
C ALA B 38 -12.21 18.73 28.14
N GLY B 39 -11.40 18.00 27.39
CA GLY B 39 -10.91 18.46 26.11
C GLY B 39 -12.02 18.66 25.10
N ARG B 40 -11.90 19.65 24.25
CA ARG B 40 -12.87 19.89 23.20
C ARG B 40 -12.69 18.89 22.07
N ILE B 41 -13.76 18.35 21.56
CA ILE B 41 -13.70 17.44 20.40
C ILE B 41 -14.41 18.14 19.25
N VAL B 42 -13.67 18.33 18.16
CA VAL B 42 -14.13 19.08 17.02
C VAL B 42 -14.30 18.14 15.82
N LYS B 43 -15.48 18.05 15.25
CA LYS B 43 -15.73 17.36 14.00
C LYS B 43 -15.31 18.23 12.84
N GLU B 44 -14.44 17.70 11.98
CA GLU B 44 -13.97 18.37 10.83
C GLU B 44 -14.28 17.57 9.56
N THR B 45 -14.46 18.27 8.46
CA THR B 45 -14.69 17.64 7.17
C THR B 45 -13.75 18.29 6.17
N TYR B 46 -13.12 17.46 5.35
CA TYR B 46 -12.11 17.87 4.39
C TYR B 46 -12.26 17.04 3.11
N THR B 47 -11.66 17.50 2.03
CA THR B 47 -11.68 16.73 0.80
C THR B 47 -10.26 16.42 0.43
N GLY B 48 -10.00 15.16 0.14
CA GLY B 48 -8.69 14.68 -0.21
C GLY B 48 -8.78 13.67 -1.33
N ILE B 49 -7.75 12.83 -1.42
CA ILE B 49 -7.64 11.87 -2.54
C ILE B 49 -8.71 10.83 -2.54
N ASN B 50 -9.35 10.60 -1.42
CA ASN B 50 -10.47 9.70 -1.27
C ASN B 50 -11.80 10.40 -1.09
N GLY B 51 -11.88 11.63 -1.59
CA GLY B 51 -13.10 12.38 -1.55
C GLY B 51 -13.34 13.10 -0.23
N THR B 52 -14.57 13.49 0.00
CA THR B 52 -14.92 14.27 1.18
C THR B 52 -15.14 13.32 2.29
N LYS B 53 -14.44 13.55 3.41
CA LYS B 53 -14.44 12.67 4.56
C LYS B 53 -14.39 13.55 5.83
N SER B 54 -14.60 12.90 6.97
CA SER B 54 -14.57 13.59 8.25
C SER B 54 -13.59 12.93 9.24
N LEU B 55 -13.27 13.65 10.28
CA LEU B 55 -12.47 13.16 11.39
C LEU B 55 -12.85 13.95 12.60
N ASN B 56 -12.41 13.47 13.78
CA ASN B 56 -12.53 14.21 15.02
C ASN B 56 -11.18 14.63 15.52
N VAL B 57 -11.09 15.82 16.10
CA VAL B 57 -9.90 16.31 16.72
C VAL B 57 -10.21 16.57 18.19
N TYR B 58 -9.52 15.86 19.07
CA TYR B 58 -9.51 16.07 20.52
C TYR B 58 -8.42 17.06 20.85
N LEU B 59 -8.80 18.18 21.45
CA LEU B 59 -7.86 19.19 21.95
C LEU B 59 -7.83 19.06 23.49
N PRO B 60 -6.66 19.14 24.09
CA PRO B 60 -6.59 18.96 25.55
C PRO B 60 -7.29 20.14 26.25
N TYR B 61 -7.75 19.88 27.47
CA TYR B 61 -8.28 20.95 28.31
C TYR B 61 -7.16 21.99 28.49
N GLY B 62 -7.52 23.25 28.33
CA GLY B 62 -6.53 24.31 28.41
C GLY B 62 -5.72 24.56 27.14
N TYR B 63 -6.11 23.88 26.06
CA TYR B 63 -5.46 24.09 24.76
C TYR B 63 -5.24 25.59 24.50
N ASP B 64 -3.99 25.89 24.20
CA ASP B 64 -3.58 27.25 23.90
C ASP B 64 -2.94 27.21 22.54
N PRO B 65 -3.53 27.91 21.58
CA PRO B 65 -2.97 27.96 20.23
C PRO B 65 -1.60 28.54 20.12
N ASN B 66 -1.11 29.20 21.16
CA ASN B 66 0.28 29.66 21.12
C ASN B 66 1.34 28.63 21.53
N LYS B 67 0.86 27.52 22.07
CA LYS B 67 1.71 26.42 22.46
C LYS B 67 1.73 25.37 21.35
N LYS B 68 2.73 24.55 21.39
CA LYS B 68 2.90 23.45 20.44
C LYS B 68 2.63 22.13 21.16
N TYR B 69 1.79 21.32 20.55
CA TYR B 69 1.37 20.06 21.15
C TYR B 69 1.81 18.89 20.32
N ASN B 70 2.20 17.82 20.99
CA ASN B 70 2.28 16.50 20.39
C ASN B 70 0.96 16.14 19.74
N ILE B 71 1.01 15.29 18.71
CA ILE B 71 -0.19 14.86 18.05
C ILE B 71 -0.14 13.37 17.81
N PHE B 72 -1.26 12.71 18.08
CA PHE B 72 -1.40 11.24 17.96
C PHE B 72 -2.64 10.95 17.16
N TYR B 73 -2.43 10.33 15.98
CA TYR B 73 -3.49 9.93 15.11
C TYR B 73 -3.86 8.48 15.40
N LEU B 74 -5.13 8.19 15.57
CA LEU B 74 -5.58 6.91 16.08
C LEU B 74 -6.73 6.36 15.29
N MET B 75 -6.50 5.16 14.71
CA MET B 75 -7.43 4.54 13.74
C MET B 75 -8.30 3.45 14.35
N HIS B 76 -9.57 3.52 14.01
CA HIS B 76 -10.57 2.56 14.38
C HIS B 76 -10.36 1.21 13.68
N GLY B 77 -11.18 0.24 14.05
CA GLY B 77 -11.17 -1.09 13.49
C GLY B 77 -12.19 -1.31 12.39
N GLY B 78 -12.23 -2.55 11.94
CA GLY B 78 -13.17 -2.92 10.93
C GLY B 78 -14.61 -2.72 11.36
N GLY B 79 -15.40 -2.23 10.42
CA GLY B 79 -16.79 -1.91 10.68
C GLY B 79 -17.07 -0.64 11.47
N GLU B 80 -16.00 0.07 11.84
CA GLU B 80 -16.11 1.27 12.66
C GLU B 80 -15.93 2.53 11.82
N ASN B 81 -15.90 3.70 12.43
CA ASN B 81 -15.79 4.94 11.73
C ASN B 81 -15.09 5.98 12.62
N GLU B 82 -14.91 7.18 12.09
CA GLU B 82 -14.21 8.27 12.73
C GLU B 82 -14.82 8.71 14.05
N ASN B 83 -16.05 8.30 14.31
CA ASN B 83 -16.75 8.65 15.54
C ASN B 83 -16.71 7.61 16.61
N THR B 84 -16.21 6.43 16.29
CA THR B 84 -16.31 5.28 17.20
C THR B 84 -15.55 5.50 18.51
N ILE B 85 -14.30 5.93 18.40
CA ILE B 85 -13.41 5.97 19.56
C ILE B 85 -13.92 6.98 20.64
N PHE B 86 -14.58 8.05 20.21
CA PHE B 86 -15.15 9.03 21.14
C PHE B 86 -16.66 8.80 21.39
N SER B 87 -17.17 7.72 20.90
CA SER B 87 -18.56 7.36 21.14
C SER B 87 -18.73 6.71 22.50
N ASN B 88 -19.99 6.47 22.85
CA ASN B 88 -20.30 5.79 24.11
C ASN B 88 -19.84 4.36 24.15
N ASP B 89 -19.48 3.78 23.02
CA ASP B 89 -18.95 2.42 23.02
C ASP B 89 -17.49 2.31 23.46
N VAL B 90 -16.80 3.46 23.54
CA VAL B 90 -15.37 3.42 23.82
C VAL B 90 -15.01 4.48 24.89
N LYS B 91 -15.43 5.73 24.69
CA LYS B 91 -15.24 6.79 25.68
C LYS B 91 -13.80 7.10 25.95
N LEU B 92 -12.93 7.02 24.92
CA LEU B 92 -11.51 7.28 25.14
C LEU B 92 -11.26 8.68 25.67
N GLN B 93 -12.07 9.66 25.27
CA GLN B 93 -11.90 11.03 25.74
C GLN B 93 -11.96 11.15 27.25
N ASN B 94 -12.75 10.30 27.90
CA ASN B 94 -12.83 10.33 29.37
C ASN B 94 -11.52 9.95 29.98
N ILE B 95 -10.92 8.90 29.44
CA ILE B 95 -9.62 8.47 29.89
C ILE B 95 -8.54 9.51 29.65
N LEU B 96 -8.54 10.06 28.43
CA LEU B 96 -7.58 11.12 28.12
C LEU B 96 -7.76 12.31 29.09
N ASP B 97 -9.00 12.74 29.26
CA ASP B 97 -9.27 13.90 30.10
C ASP B 97 -8.78 13.66 31.53
N HIS B 98 -9.11 12.50 32.10
CA HIS B 98 -8.73 12.29 33.47
C HIS B 98 -7.21 12.09 33.59
N ALA B 99 -6.57 11.42 32.62
CA ALA B 99 -5.14 11.22 32.68
C ALA B 99 -4.37 12.53 32.57
N ILE B 100 -4.82 13.44 31.69
CA ILE B 100 -4.16 14.74 31.53
C ILE B 100 -4.41 15.55 32.80
N MET B 101 -5.61 15.56 33.34
CA MET B 101 -5.87 16.34 34.55
C MET B 101 -5.00 15.87 35.71
N ASN B 102 -4.80 14.54 35.81
CA ASN B 102 -4.05 13.98 36.91
C ASN B 102 -2.54 14.06 36.71
N GLY B 103 -2.08 14.47 35.55
CA GLY B 103 -0.66 14.65 35.28
C GLY B 103 0.05 13.37 34.83
N GLU B 104 -0.70 12.34 34.53
CA GLU B 104 -0.20 11.06 34.03
C GLU B 104 0.21 11.12 32.56
N LEU B 105 -0.41 12.00 31.83
CA LEU B 105 -0.26 12.15 30.38
C LEU B 105 -0.07 13.64 30.10
N GLU B 106 1.00 14.01 29.40
CA GLU B 106 1.14 15.42 29.02
C GLU B 106 0.07 15.78 27.99
N PRO B 107 -0.45 17.00 28.02
CA PRO B 107 -1.50 17.35 27.06
C PRO B 107 -1.01 17.16 25.63
N LEU B 108 -1.92 16.67 24.82
CA LEU B 108 -1.67 16.40 23.40
C LEU B 108 -2.96 16.45 22.63
N ILE B 109 -2.85 16.57 21.28
CA ILE B 109 -3.95 16.52 20.36
C ILE B 109 -4.09 15.04 19.93
N VAL B 110 -5.31 14.56 19.93
CA VAL B 110 -5.61 13.19 19.45
C VAL B 110 -6.61 13.27 18.34
N VAL B 111 -6.27 12.67 17.17
CA VAL B 111 -7.11 12.75 16.01
C VAL B 111 -7.65 11.37 15.69
N THR B 112 -8.92 11.24 15.41
CA THR B 112 -9.53 9.98 15.00
C THR B 112 -10.09 10.14 13.61
N PRO B 113 -9.31 9.73 12.60
CA PRO B 113 -9.75 9.76 11.20
C PRO B 113 -10.46 8.44 10.83
N THR B 114 -10.66 8.19 9.55
CA THR B 114 -11.23 6.94 9.10
C THR B 114 -10.58 6.46 7.83
N PHE B 115 -10.51 5.14 7.72
CA PHE B 115 -10.14 4.47 6.47
C PHE B 115 -11.30 4.15 5.56
N ASN B 116 -12.49 4.59 5.91
CA ASN B 116 -13.67 4.47 5.06
C ASN B 116 -13.65 5.56 3.99
N GLY B 117 -14.47 5.41 2.97
CA GLY B 117 -14.74 6.44 2.02
C GLY B 117 -13.94 6.35 0.73
N GLY B 118 -14.59 6.64 -0.40
CA GLY B 118 -13.87 6.68 -1.64
C GLY B 118 -13.14 5.38 -1.94
N ASN B 119 -11.89 5.53 -2.35
CA ASN B 119 -10.99 4.47 -2.64
C ASN B 119 -10.21 4.00 -1.43
N CYS B 120 -10.55 4.53 -0.25
CA CYS B 120 -9.71 4.30 0.92
C CYS B 120 -9.93 2.92 1.50
N THR B 121 -8.85 2.35 2.00
CA THR B 121 -8.87 1.10 2.74
C THR B 121 -7.91 1.20 3.93
N ALA B 122 -7.99 0.24 4.83
CA ALA B 122 -7.07 0.19 5.96
C ALA B 122 -5.65 0.14 5.51
N GLN B 123 -5.37 -0.58 4.41
CA GLN B 123 -4.07 -0.71 3.87
C GLN B 123 -3.56 0.53 3.22
N ASN B 124 -4.38 1.24 2.45
CA ASN B 124 -3.89 2.35 1.65
C ASN B 124 -4.06 3.76 2.29
N PHE B 125 -4.64 3.80 3.48
CA PHE B 125 -4.95 5.08 4.14
C PHE B 125 -3.75 5.96 4.26
N TYR B 126 -2.56 5.39 4.45
CA TYR B 126 -1.36 6.17 4.63
C TYR B 126 -1.15 7.24 3.58
N GLN B 127 -1.61 7.01 2.35
CA GLN B 127 -1.42 8.00 1.33
C GLN B 127 -2.23 9.27 1.57
N GLU B 128 -3.48 9.09 1.89
CA GLU B 128 -4.36 10.16 2.29
C GLU B 128 -3.87 10.83 3.56
N PHE B 129 -3.36 10.02 4.47
CA PHE B 129 -2.78 10.54 5.72
C PHE B 129 -1.69 11.56 5.44
N ARG B 130 -0.75 11.18 4.58
CA ARG B 130 0.36 12.04 4.25
C ARG B 130 -0.04 13.30 3.51
N GLN B 131 -0.88 13.14 2.50
CA GLN B 131 -1.14 14.22 1.58
C GLN B 131 -2.25 15.13 2.00
N ASN B 132 -3.22 14.62 2.76
CA ASN B 132 -4.42 15.35 3.09
C ASN B 132 -4.60 15.56 4.58
N VAL B 133 -4.57 14.48 5.35
CA VAL B 133 -4.95 14.57 6.76
C VAL B 133 -3.98 15.40 7.56
N ILE B 134 -2.69 15.13 7.46
CA ILE B 134 -1.70 15.91 8.21
C ILE B 134 -1.80 17.40 7.85
N PRO B 135 -1.72 17.80 6.57
CA PRO B 135 -1.78 19.24 6.32
C PRO B 135 -3.08 19.89 6.74
N PHE B 136 -4.19 19.19 6.59
CA PHE B 136 -5.49 19.72 7.00
C PHE B 136 -5.54 19.97 8.49
N VAL B 137 -5.20 18.96 9.27
CA VAL B 137 -5.30 19.10 10.72
C VAL B 137 -4.27 20.11 11.23
N GLU B 138 -3.03 19.97 10.80
CA GLU B 138 -1.93 20.71 11.38
C GLU B 138 -1.77 22.14 10.86
N SER B 139 -2.55 22.47 9.84
CA SER B 139 -2.75 23.89 9.45
C SER B 139 -3.64 24.63 10.43
N LYS B 140 -4.58 23.90 11.05
CA LYS B 140 -5.55 24.50 11.94
C LYS B 140 -5.16 24.47 13.41
N TYR B 141 -4.59 23.35 13.85
CA TYR B 141 -4.30 23.07 15.23
C TYR B 141 -2.80 23.06 15.46
N SER B 142 -2.37 23.52 16.63
CA SER B 142 -0.96 23.82 16.90
C SER B 142 -0.14 22.66 17.34
N THR B 143 0.55 22.10 16.37
CA THR B 143 1.51 21.02 16.57
C THR B 143 2.93 21.53 16.53
N TYR B 144 3.92 20.67 16.52
CA TYR B 144 5.29 21.13 16.38
C TYR B 144 5.65 21.45 14.93
N ALA B 145 4.76 21.19 13.99
CA ALA B 145 5.00 21.57 12.57
C ALA B 145 4.98 23.10 12.43
N GLU B 146 6.10 23.61 11.93
CA GLU B 146 6.24 25.07 11.73
C GLU B 146 5.55 25.46 10.43
N SER B 147 5.50 24.54 9.49
CA SER B 147 4.74 24.64 8.23
C SER B 147 4.20 23.25 7.96
N THR B 148 3.25 23.15 7.05
CA THR B 148 2.71 21.87 6.61
C THR B 148 3.17 21.43 5.25
N THR B 149 4.29 22.00 4.83
CA THR B 149 4.98 21.45 3.68
C THR B 149 5.58 20.10 4.08
N PRO B 150 5.99 19.29 3.11
CA PRO B 150 6.70 18.05 3.45
C PRO B 150 7.84 18.24 4.38
N GLN B 151 8.63 19.30 4.14
CA GLN B 151 9.75 19.60 4.98
C GLN B 151 9.32 19.94 6.41
N GLY B 152 8.27 20.74 6.56
CA GLY B 152 7.83 21.12 7.90
C GLY B 152 7.24 19.93 8.67
N ILE B 153 6.59 19.04 7.95
CA ILE B 153 6.07 17.83 8.57
C ILE B 153 7.20 16.90 8.98
N ALA B 154 8.18 16.68 8.10
CA ALA B 154 9.32 15.86 8.43
C ALA B 154 10.12 16.41 9.58
N ALA B 155 10.26 17.74 9.64
CA ALA B 155 11.03 18.32 10.70
C ALA B 155 10.40 18.23 12.06
N SER B 156 9.14 17.87 12.15
CA SER B 156 8.41 17.78 13.40
C SER B 156 8.01 16.33 13.73
N ARG B 157 8.60 15.37 13.03
CA ARG B 157 8.23 13.93 13.13
C ARG B 157 8.39 13.37 14.53
N MET B 158 9.32 13.86 15.34
CA MET B 158 9.51 13.32 16.68
C MET B 158 8.32 13.64 17.57
N HIS B 159 7.39 14.48 17.13
CA HIS B 159 6.27 14.88 17.93
C HIS B 159 4.94 14.44 17.30
N ARG B 160 5.02 13.38 16.47
CA ARG B 160 3.87 12.87 15.76
C ARG B 160 3.85 11.37 15.94
N GLY B 161 2.67 10.84 16.19
CA GLY B 161 2.48 9.40 16.38
C GLY B 161 1.24 8.91 15.67
N PHE B 162 1.23 7.58 15.47
CA PHE B 162 0.12 6.91 14.83
C PHE B 162 -0.14 5.59 15.53
N GLY B 163 -1.40 5.29 15.78
CA GLY B 163 -1.79 4.02 16.29
C GLY B 163 -3.15 3.63 15.82
N GLY B 164 -3.57 2.44 16.21
CA GLY B 164 -4.87 1.94 15.78
C GLY B 164 -5.13 0.52 16.21
N PHE B 165 -6.38 0.12 16.17
CA PHE B 165 -6.84 -1.19 16.66
C PHE B 165 -7.36 -2.05 15.53
N ALA B 166 -6.83 -3.27 15.53
CA ALA B 166 -7.34 -4.35 14.65
C ALA B 166 -7.06 -4.01 13.20
N MET B 167 -8.04 -3.83 12.31
CA MET B 167 -7.68 -3.28 11.01
C MET B 167 -6.96 -1.94 11.12
N GLY B 168 -7.22 -1.16 12.15
CA GLY B 168 -6.48 0.08 12.37
C GLY B 168 -5.05 -0.16 12.81
N GLY B 169 -4.80 -1.33 13.43
CA GLY B 169 -3.43 -1.77 13.69
C GLY B 169 -2.69 -2.09 12.40
N LEU B 170 -3.37 -2.78 11.49
CA LEU B 170 -2.83 -2.95 10.13
C LEU B 170 -2.55 -1.60 9.52
N THR B 171 -3.48 -0.64 9.63
CA THR B 171 -3.21 0.70 9.10
C THR B 171 -1.92 1.27 9.65
N THR B 172 -1.72 1.08 10.99
CA THR B 172 -0.55 1.58 11.67
C THR B 172 0.73 1.02 11.07
N TRP B 173 0.75 -0.29 10.83
CA TRP B 173 1.98 -0.88 10.26
C TRP B 173 2.25 -0.32 8.86
N TYR B 174 1.23 -0.15 8.02
CA TYR B 174 1.44 0.45 6.71
C TYR B 174 1.85 1.92 6.82
N VAL B 175 1.32 2.65 7.80
CA VAL B 175 1.81 4.02 8.03
C VAL B 175 3.26 3.98 8.39
N MET B 176 3.67 3.06 9.25
CA MET B 176 5.06 3.00 9.66
C MET B 176 5.98 2.77 8.47
N VAL B 177 5.68 1.77 7.64
CA VAL B 177 6.55 1.40 6.55
CA VAL B 177 6.63 1.45 6.59
C VAL B 177 6.62 2.51 5.51
N ASN B 178 5.54 3.28 5.33
CA ASN B 178 5.46 4.31 4.30
C ASN B 178 5.63 5.76 4.76
N CYS B 179 5.73 5.96 6.08
CA CYS B 179 5.69 7.31 6.64
C CYS B 179 6.68 7.53 7.75
N LEU B 180 7.78 6.78 7.80
CA LEU B 180 8.81 7.04 8.83
C LEU B 180 9.33 8.46 8.76
N ASP B 181 9.37 9.03 7.55
CA ASP B 181 9.78 10.40 7.43
C ASP B 181 8.94 11.41 8.16
N TYR B 182 7.67 11.08 8.41
CA TYR B 182 6.70 11.97 9.04
C TYR B 182 6.34 11.61 10.47
N VAL B 183 6.57 10.37 10.87
CA VAL B 183 6.03 9.86 12.15
C VAL B 183 7.09 9.08 12.88
N ALA B 184 7.29 9.34 14.16
CA ALA B 184 8.29 8.67 14.97
C ALA B 184 7.73 7.65 15.92
N TYR B 185 6.47 7.76 16.37
CA TYR B 185 5.93 6.89 17.40
C TYR B 185 4.76 6.10 16.83
N PHE B 186 4.80 4.78 17.06
CA PHE B 186 3.79 3.86 16.52
C PHE B 186 3.17 3.01 17.58
N MET B 187 1.84 2.87 17.55
CA MET B 187 1.11 2.11 18.56
C MET B 187 0.12 1.15 17.91
N PRO B 188 0.64 0.06 17.29
CA PRO B 188 -0.25 -0.95 16.70
C PRO B 188 -0.90 -1.81 17.79
N LEU B 189 -2.23 -1.89 17.78
CA LEU B 189 -2.99 -2.56 18.82
C LEU B 189 -3.76 -3.71 18.17
N SER B 190 -3.44 -4.94 18.58
CA SER B 190 -4.19 -6.14 18.14
C SER B 190 -4.34 -6.20 16.62
N GLY B 191 -3.22 -6.04 15.94
CA GLY B 191 -3.17 -6.22 14.51
C GLY B 191 -1.71 -6.42 14.11
N ASP B 192 -1.49 -7.30 13.15
CA ASP B 192 -0.19 -7.54 12.52
C ASP B 192 -0.09 -6.87 11.15
N TYR B 193 1.14 -6.87 10.66
CA TYR B 193 1.48 -6.30 9.37
C TYR B 193 1.30 -7.36 8.29
N TRP B 194 0.44 -7.16 7.30
N TRP B 194 0.31 -7.19 7.43
CA TRP B 194 0.11 -8.25 6.38
CA TRP B 194 0.07 -8.12 6.31
C TRP B 194 1.06 -8.40 5.18
C TRP B 194 0.85 -7.69 5.11
N TYR B 195 2.09 -7.59 5.08
N TYR B 195 2.11 -8.04 5.15
CA TYR B 195 3.03 -7.71 3.97
CA TYR B 195 3.00 -7.81 4.04
C TYR B 195 4.10 -8.79 4.22
N GLY B 196 3.86 -9.96 3.66
CA GLY B 196 4.90 -10.99 3.75
C GLY B 196 4.32 -12.37 4.05
N ASN B 197 5.01 -13.38 3.54
CA ASN B 197 4.57 -14.75 3.68
C ASN B 197 5.13 -15.45 4.89
N SER B 198 6.01 -14.77 5.63
CA SER B 198 6.54 -15.26 6.87
C SER B 198 6.76 -14.06 7.81
N PRO B 199 6.96 -14.32 9.08
CA PRO B 199 7.28 -13.22 10.01
C PRO B 199 8.55 -12.52 9.63
N GLN B 200 9.52 -13.24 9.07
CA GLN B 200 10.76 -12.63 8.61
C GLN B 200 10.54 -11.71 7.48
N ASP B 201 9.68 -12.05 6.53
CA ASP B 201 9.37 -11.13 5.45
C ASP B 201 8.82 -9.79 6.06
N LYS B 202 7.92 -9.91 7.03
CA LYS B 202 7.31 -8.73 7.66
C LYS B 202 8.41 -7.89 8.31
N ALA B 203 9.21 -8.54 9.13
CA ALA B 203 10.31 -7.83 9.83
C ALA B 203 11.29 -7.22 8.87
N ASN B 204 11.66 -7.94 7.80
CA ASN B 204 12.56 -7.40 6.81
C ASN B 204 12.07 -6.22 6.03
N SER B 205 10.76 -6.16 5.79
CA SER B 205 10.14 -5.04 5.15
C SER B 205 10.25 -3.81 6.06
N ILE B 206 9.95 -4.00 7.34
CA ILE B 206 10.11 -2.88 8.30
C ILE B 206 11.56 -2.42 8.37
N ALA B 207 12.47 -3.36 8.44
CA ALA B 207 13.91 -3.04 8.45
C ALA B 207 14.33 -2.26 7.23
N GLU B 208 13.87 -2.71 6.07
CA GLU B 208 14.23 -2.01 4.85
C GLU B 208 13.68 -0.60 4.81
N ALA B 209 12.44 -0.38 5.33
CA ALA B 209 11.89 0.97 5.41
C ALA B 209 12.77 1.85 6.33
N ILE B 210 13.19 1.26 7.45
CA ILE B 210 14.08 1.97 8.38
C ILE B 210 15.40 2.33 7.68
N ASN B 211 15.97 1.37 6.96
CA ASN B 211 17.22 1.62 6.22
C ASN B 211 17.05 2.76 5.22
N ARG B 212 15.96 2.74 4.45
CA ARG B 212 15.67 3.75 3.42
C ARG B 212 15.51 5.15 4.06
N SER B 213 14.93 5.18 5.26
CA SER B 213 14.68 6.44 5.94
C SER B 213 15.95 7.18 6.38
N GLY B 214 17.01 6.40 6.58
CA GLY B 214 18.26 6.90 7.17
C GLY B 214 18.23 7.18 8.65
N LEU B 215 17.11 6.94 9.32
CA LEU B 215 16.97 7.28 10.74
C LEU B 215 17.80 6.43 11.67
N SER B 216 18.24 7.01 12.79
CA SER B 216 18.86 6.25 13.83
C SER B 216 17.82 5.51 14.66
N LYS B 217 18.31 4.53 15.41
CA LYS B 217 17.48 3.75 16.32
C LYS B 217 16.88 4.59 17.43
N ARG B 218 17.35 5.84 17.65
CA ARG B 218 16.79 6.77 18.63
C ARG B 218 15.68 7.67 18.06
N GLU B 219 15.26 7.37 16.84
CA GLU B 219 14.37 8.27 16.08
C GLU B 219 13.06 7.58 15.62
N TYR B 220 12.84 6.33 16.08
CA TYR B 220 11.52 5.69 15.84
C TYR B 220 11.29 4.72 16.99
N PHE B 221 10.02 4.52 17.31
CA PHE B 221 9.62 3.83 18.52
C PHE B 221 8.34 3.09 18.22
N VAL B 222 8.30 1.83 18.63
CA VAL B 222 7.11 0.99 18.44
C VAL B 222 6.65 0.42 19.77
N PHE B 223 5.45 0.77 20.20
CA PHE B 223 4.85 0.23 21.43
C PHE B 223 3.61 -0.49 20.94
N ALA B 224 3.76 -1.79 20.74
CA ALA B 224 2.66 -2.65 20.30
C ALA B 224 1.93 -3.21 21.51
N ALA B 225 0.66 -3.59 21.36
CA ALA B 225 -0.05 -4.20 22.47
C ALA B 225 -1.18 -5.05 21.96
N THR B 226 -1.51 -6.06 22.78
CA THR B 226 -2.70 -6.87 22.58
C THR B 226 -3.10 -7.51 23.90
N GLY B 227 -4.13 -8.34 23.83
CA GLY B 227 -4.58 -9.11 25.02
C GLY B 227 -4.19 -10.57 24.89
N SER B 228 -4.04 -11.25 26.03
CA SER B 228 -3.70 -12.68 25.97
C SER B 228 -4.88 -13.52 25.48
N GLU B 229 -6.07 -12.98 25.51
CA GLU B 229 -7.28 -13.61 24.99
C GLU B 229 -7.75 -13.04 23.70
N ASP B 230 -6.88 -12.24 23.04
CA ASP B 230 -7.20 -11.57 21.80
C ASP B 230 -6.68 -12.40 20.62
N ILE B 231 -7.62 -12.77 19.75
CA ILE B 231 -7.27 -13.53 18.58
C ILE B 231 -6.11 -13.00 17.77
N ALA B 232 -5.89 -11.69 17.78
CA ALA B 232 -4.78 -11.11 17.04
C ALA B 232 -3.40 -11.45 17.58
N TYR B 233 -3.33 -11.91 18.83
CA TYR B 233 -2.07 -12.25 19.45
C TYR B 233 -1.36 -13.31 18.61
N ALA B 234 -2.12 -14.26 18.11
CA ALA B 234 -1.53 -15.36 17.37
C ALA B 234 -0.73 -14.94 16.15
N ASN B 235 -1.15 -13.87 15.50
CA ASN B 235 -0.45 -13.35 14.34
C ASN B 235 0.57 -12.27 14.73
N MET B 236 0.30 -11.50 15.78
CA MET B 236 1.27 -10.50 16.23
C MET B 236 2.54 -11.09 16.80
N ASN B 237 2.41 -12.10 17.67
CA ASN B 237 3.57 -12.54 18.43
C ASN B 237 4.72 -13.00 17.52
N PRO B 238 4.49 -13.81 16.48
CA PRO B 238 5.60 -14.18 15.59
C PRO B 238 6.27 -13.01 14.94
N GLN B 239 5.48 -11.99 14.54
CA GLN B 239 6.08 -10.81 13.93
C GLN B 239 6.94 -10.05 14.93
N ILE B 240 6.45 -9.91 16.17
CA ILE B 240 7.20 -9.20 17.21
C ILE B 240 8.54 -9.93 17.44
N GLU B 241 8.48 -11.27 17.53
CA GLU B 241 9.72 -12.05 17.76
C GLU B 241 10.72 -11.87 16.62
N ALA B 242 10.23 -11.85 15.38
CA ALA B 242 11.10 -11.62 14.24
C ALA B 242 11.71 -10.21 14.27
N MET B 243 10.91 -9.20 14.68
CA MET B 243 11.42 -7.85 14.83
C MET B 243 12.49 -7.72 15.92
N LYS B 244 12.29 -8.41 17.03
CA LYS B 244 13.23 -8.38 18.14
C LYS B 244 14.63 -8.85 17.69
N ALA B 245 14.64 -9.78 16.75
CA ALA B 245 15.91 -10.28 16.22
C ALA B 245 16.66 -9.28 15.32
N LEU B 246 16.01 -8.23 14.82
CA LEU B 246 16.63 -7.24 13.98
C LEU B 246 17.55 -6.33 14.83
N PRO B 247 18.67 -5.89 14.29
CA PRO B 247 19.47 -4.90 15.00
C PRO B 247 18.75 -3.53 15.13
N HIS B 248 17.73 -3.32 14.32
CA HIS B 248 16.98 -2.05 14.25
C HIS B 248 16.17 -1.74 15.50
N PHE B 249 15.91 -2.74 16.29
CA PHE B 249 15.10 -2.58 17.50
C PHE B 249 15.82 -3.06 18.74
N ASP B 250 15.73 -2.25 19.78
CA ASP B 250 16.24 -2.50 21.13
C ASP B 250 15.02 -2.64 22.01
N TYR B 251 14.76 -3.85 22.50
CA TYR B 251 13.53 -4.22 23.17
C TYR B 251 13.56 -3.77 24.63
N THR B 252 12.66 -2.89 24.97
CA THR B 252 12.46 -2.36 26.30
C THR B 252 11.36 -1.27 26.22
N SER B 253 10.57 -1.11 27.28
CA SER B 253 9.67 0.03 27.33
C SER B 253 10.32 1.31 27.76
N ASP B 254 11.56 1.25 28.21
CA ASP B 254 12.29 2.46 28.57
C ASP B 254 12.82 3.08 27.31
N PHE B 255 12.05 4.00 26.73
CA PHE B 255 12.41 4.59 25.46
C PHE B 255 13.54 5.62 25.56
N SER B 256 14.06 5.82 26.76
CA SER B 256 15.35 6.52 26.90
C SER B 256 16.52 5.62 26.57
N LYS B 257 16.30 4.31 26.53
N LYS B 257 16.29 4.28 26.48
CA LYS B 257 17.34 3.37 26.20
CA LYS B 257 17.31 3.23 26.28
C LYS B 257 17.13 2.73 24.85
C LYS B 257 17.09 2.28 25.11
N GLY B 258 15.88 2.29 24.59
CA GLY B 258 15.54 1.49 23.45
C GLY B 258 14.28 2.03 22.83
N ASN B 259 13.68 1.17 22.01
CA ASN B 259 12.67 1.67 21.05
C ASN B 259 11.56 0.71 20.69
N PHE B 260 11.39 -0.37 21.42
CA PHE B 260 10.45 -1.41 21.03
C PHE B 260 9.89 -2.17 22.21
N TYR B 261 8.58 -2.30 22.29
CA TYR B 261 7.97 -3.04 23.36
C TYR B 261 6.65 -3.63 22.90
N PHE B 262 6.27 -4.76 23.51
CA PHE B 262 5.03 -5.45 23.22
C PHE B 262 4.31 -5.77 24.52
N LEU B 263 3.25 -5.05 24.82
CA LEU B 263 2.46 -5.21 26.04
C LEU B 263 1.36 -6.20 25.77
N VAL B 264 1.33 -7.25 26.61
CA VAL B 264 0.29 -8.27 26.51
C VAL B 264 -0.52 -8.28 27.77
N ALA B 265 -1.79 -7.96 27.64
CA ALA B 265 -2.69 -7.76 28.78
C ALA B 265 -3.34 -9.11 29.17
N PRO B 266 -3.08 -9.59 30.39
CA PRO B 266 -3.65 -10.91 30.76
C PRO B 266 -5.17 -10.88 30.80
N GLY B 267 -5.79 -11.82 30.09
CA GLY B 267 -7.20 -12.01 30.07
C GLY B 267 -8.01 -11.18 29.13
N ALA B 268 -7.37 -10.20 28.48
CA ALA B 268 -8.11 -9.26 27.71
C ALA B 268 -8.45 -9.81 26.32
N THR B 269 -9.64 -9.51 25.86
CA THR B 269 -10.17 -9.97 24.59
C THR B 269 -10.16 -8.87 23.54
N HIS B 270 -10.53 -9.22 22.32
CA HIS B 270 -10.52 -8.30 21.20
C HIS B 270 -11.73 -7.41 21.24
N TRP B 271 -11.65 -6.35 22.04
CA TRP B 271 -12.74 -5.49 22.36
C TRP B 271 -12.20 -4.14 22.84
N TRP B 272 -12.79 -3.06 22.34
CA TRP B 272 -12.36 -1.71 22.78
C TRP B 272 -12.42 -1.51 24.28
N GLY B 273 -13.29 -2.26 24.98
CA GLY B 273 -13.41 -2.13 26.42
C GLY B 273 -12.06 -2.36 27.13
N TYR B 274 -11.28 -3.30 26.58
CA TYR B 274 -9.91 -3.52 26.97
C TYR B 274 -8.88 -2.62 26.26
N VAL B 275 -9.01 -2.51 24.93
CA VAL B 275 -7.97 -1.87 24.14
C VAL B 275 -7.79 -0.39 24.52
N ARG B 276 -8.85 0.29 24.95
CA ARG B 276 -8.71 1.66 25.42
C ARG B 276 -7.68 1.78 26.53
N HIS B 277 -7.60 0.75 27.37
CA HIS B 277 -6.60 0.71 28.44
C HIS B 277 -5.18 0.56 27.97
N TYR B 278 -4.99 -0.06 26.82
CA TYR B 278 -3.65 -0.12 26.25
C TYR B 278 -3.16 1.28 25.89
N ILE B 279 -4.05 2.11 25.38
CA ILE B 279 -3.70 3.48 25.07
C ILE B 279 -3.38 4.23 26.35
N TYR B 280 -4.20 4.04 27.39
CA TYR B 280 -3.89 4.63 28.70
C TYR B 280 -2.51 4.25 29.18
N ASP B 281 -2.13 2.99 28.98
CA ASP B 281 -0.84 2.50 29.45
C ASP B 281 0.33 3.00 28.58
N ALA B 282 0.12 3.04 27.26
CA ALA B 282 1.21 3.29 26.31
C ALA B 282 1.39 4.78 25.96
N LEU B 283 0.30 5.51 25.82
CA LEU B 283 0.41 6.88 25.36
C LEU B 283 1.30 7.74 26.25
N PRO B 284 1.28 7.53 27.57
CA PRO B 284 2.22 8.26 28.43
C PRO B 284 3.69 8.07 28.15
N TYR B 285 4.02 6.99 27.45
CA TYR B 285 5.42 6.68 27.08
C TYR B 285 5.86 7.47 25.82
N PHE B 286 4.95 8.09 25.08
CA PHE B 286 5.31 8.72 23.82
C PHE B 286 5.78 10.18 23.99
N PHE B 287 6.63 10.57 23.05
CA PHE B 287 6.96 11.94 22.74
C PHE B 287 7.89 12.61 23.73
N HIS B 288 8.69 11.85 24.48
CA HIS B 288 9.64 12.49 25.38
C HIS B 288 11.05 12.50 24.80
N GLU B 289 11.32 11.71 23.78
CA GLU B 289 12.68 11.61 23.21
C GLU B 289 12.88 12.79 22.27
N LEU B 290 13.92 13.57 22.55
CA LEU B 290 14.18 14.82 21.82
C LEU B 290 12.99 15.82 22.01
N GLU B 291 12.34 15.79 23.21
CA GLU B 291 11.26 16.70 23.46
C GLU B 291 11.77 18.09 23.73
N HIS B 292 10.92 19.10 23.60
CA HIS B 292 11.37 20.46 23.73
C HIS B 292 11.22 21.01 25.11
N HIS B 293 10.48 20.38 26.01
CA HIS B 293 10.42 20.76 27.42
C HIS B 293 11.56 20.08 28.16
N HIS B 294 11.92 20.67 29.30
CA HIS B 294 12.96 20.12 30.20
C HIS B 294 12.29 19.25 31.27
N HIS B 295 12.26 17.95 30.96
CA HIS B 295 11.59 16.94 31.78
C HIS B 295 12.62 15.84 32.12
N HIS B 296 12.40 15.26 33.30
CA HIS B 296 13.17 14.12 33.76
C HIS B 296 12.24 12.92 33.89
N HIS B 297 12.44 11.96 33.01
CA HIS B 297 11.66 10.73 32.98
C HIS B 297 12.49 9.48 33.28
#